data_7MWI
#
_entry.id   7MWI
#
_cell.length_a   47.860
_cell.length_b   47.860
_cell.length_c   238.861
_cell.angle_alpha   90.000
_cell.angle_beta   90.000
_cell.angle_gamma   120.000
#
_symmetry.space_group_name_H-M   'P 61 2 2'
#
loop_
_entity.id
_entity.type
_entity.pdbx_description
1 polymer 'Bromodomain adjacent to zinc finger domain protein 2A'
2 non-polymer 'UNKNOWN ATOM OR ION'
3 water water
#
_entity_poly.entity_id   1
_entity_poly.type   'polypeptide(L)'
_entity_poly.pdbx_seq_one_letter_code
;GSGSGDVMRRRIATPEEVRLPLQHGWRREVRIKKGSHRWQGETWYYGPCGKRMKQFPEVIKYLSRNVVHSVRREHFSFSP
RMPVGDFFEERDTPEGLQWVQLSAEEIPSRIQAITGKRG
;
_entity_poly.pdbx_strand_id   A
#
loop_
_chem_comp.id
_chem_comp.type
_chem_comp.name
_chem_comp.formula
UNX non-polymer 'UNKNOWN ATOM OR ION' ?
#
# COMPACT_ATOMS: atom_id res chain seq x y z
N VAL A 7 11.67 17.57 -13.16
CA VAL A 7 10.17 17.75 -13.22
C VAL A 7 9.48 16.43 -13.67
N MET A 8 8.93 15.69 -12.69
CA MET A 8 8.03 14.56 -13.00
C MET A 8 6.63 15.12 -13.34
N ARG A 9 6.39 15.25 -14.63
CA ARG A 9 5.11 15.76 -15.13
C ARG A 9 4.08 14.62 -15.31
N ARG A 10 4.57 13.42 -15.64
CA ARG A 10 3.72 12.26 -15.79
C ARG A 10 3.25 11.82 -14.42
N ARG A 11 1.93 11.81 -14.27
CA ARG A 11 1.27 11.57 -12.98
C ARG A 11 0.98 10.09 -12.63
N ILE A 12 0.93 9.21 -13.63
CA ILE A 12 0.55 7.80 -13.40
C ILE A 12 1.85 6.99 -13.16
N ALA A 13 2.10 6.63 -11.91
CA ALA A 13 3.25 5.77 -11.56
C ALA A 13 3.05 4.38 -12.14
N THR A 14 4.12 3.83 -12.67
CA THR A 14 4.16 2.50 -13.12
C THR A 14 4.41 1.56 -11.91
N PRO A 15 4.07 0.28 -12.11
CA PRO A 15 4.31 -0.60 -10.96
C PRO A 15 5.81 -0.71 -10.64
N GLU A 16 6.67 -0.65 -11.66
CA GLU A 16 8.11 -0.67 -11.46
C GLU A 16 8.54 0.47 -10.57
N GLU A 17 7.99 1.67 -10.82
CA GLU A 17 8.25 2.79 -9.90
C GLU A 17 7.78 2.62 -8.50
N VAL A 18 6.59 2.06 -8.38
CA VAL A 18 6.03 1.85 -7.02
C VAL A 18 6.82 0.73 -6.26
N ARG A 19 7.42 -0.18 -6.99
CA ARG A 19 8.34 -1.18 -6.40
C ARG A 19 9.63 -0.58 -5.90
N LEU A 20 10.04 0.58 -6.44
CA LEU A 20 11.41 1.04 -6.15
C LEU A 20 11.65 1.27 -4.60
N PRO A 21 10.73 1.97 -3.89
CA PRO A 21 11.01 2.09 -2.45
C PRO A 21 11.21 0.81 -1.64
N LEU A 22 10.66 -0.27 -2.16
CA LEU A 22 10.73 -1.58 -1.52
C LEU A 22 12.15 -2.12 -1.61
N GLN A 23 12.98 -1.55 -2.50
CA GLN A 23 14.38 -1.87 -2.59
C GLN A 23 15.23 -1.01 -1.69
N HIS A 24 14.65 -0.03 -1.04
CA HIS A 24 15.35 0.93 -0.19
C HIS A 24 14.77 0.99 1.20
N GLY A 25 14.31 -0.18 1.67
CA GLY A 25 13.81 -0.31 3.02
C GLY A 25 12.41 0.09 3.39
N TRP A 26 11.60 0.49 2.40
CA TRP A 26 10.23 0.81 2.67
C TRP A 26 9.40 -0.50 2.45
N ARG A 27 8.23 -0.48 3.06
CA ARG A 27 7.23 -1.54 2.83
C ARG A 27 5.90 -0.93 2.45
N ARG A 28 5.21 -1.68 1.63
CA ARG A 28 3.88 -1.24 1.17
C ARG A 28 2.91 -2.44 1.39
N GLU A 29 1.75 -2.11 1.91
CA GLU A 29 0.68 -3.08 2.13
C GLU A 29 -0.64 -2.53 1.68
N VAL A 30 -1.50 -3.44 1.23
CA VAL A 30 -2.88 -3.10 0.93
C VAL A 30 -3.76 -4.03 1.79
N ARG A 31 -4.66 -3.44 2.53
CA ARG A 31 -5.44 -4.16 3.58
C ARG A 31 -6.93 -3.98 3.26
N ILE A 32 -7.62 -5.11 3.15
CA ILE A 32 -8.96 -5.17 2.67
C ILE A 32 -9.92 -5.73 3.70
N LYS A 33 -11.02 -5.06 3.90
CA LYS A 33 -12.03 -5.53 4.88
C LYS A 33 -13.39 -5.00 4.54
N LYS A 34 -14.39 -5.66 5.10
CA LYS A 34 -15.74 -5.26 4.81
C LYS A 34 -16.15 -4.09 5.72
N GLY A 35 -16.67 -3.03 5.13
CA GLY A 35 -17.14 -1.89 5.91
C GLY A 35 -18.64 -1.88 6.05
N SER A 36 -19.19 -0.67 6.26
CA SER A 36 -20.62 -0.40 6.46
C SER A 36 -21.43 -1.25 5.51
N HIS A 37 -21.13 -1.13 4.22
CA HIS A 37 -21.91 -1.81 3.18
C HIS A 37 -21.10 -2.58 2.13
N ARG A 38 -19.79 -2.35 1.99
CA ARG A 38 -19.06 -3.03 0.93
C ARG A 38 -17.65 -3.28 1.38
N TRP A 39 -16.89 -3.95 0.50
CA TRP A 39 -15.45 -4.20 0.81
C TRP A 39 -14.60 -3.03 0.30
N GLN A 40 -13.63 -2.68 1.12
CA GLN A 40 -12.82 -1.49 0.90
C GLN A 40 -11.36 -1.87 1.11
N GLY A 41 -10.44 -1.18 0.47
CA GLY A 41 -9.03 -1.44 0.74
C GLY A 41 -8.31 -0.14 1.06
N GLU A 42 -7.23 -0.23 1.81
CA GLU A 42 -6.44 0.96 2.27
C GLU A 42 -5.01 0.57 2.11
N THR A 43 -4.19 1.54 1.72
CA THR A 43 -2.76 1.32 1.52
C THR A 43 -2.01 1.94 2.66
N TRP A 44 -1.05 1.17 3.16
CA TRP A 44 -0.12 1.64 4.18
C TRP A 44 1.31 1.54 3.63
N TYR A 45 2.13 2.54 4.01
CA TYR A 45 3.54 2.42 3.86
C TYR A 45 4.22 2.36 5.21
N TYR A 46 5.34 1.66 5.27
CA TYR A 46 6.25 1.78 6.38
C TYR A 46 7.56 2.36 5.88
N GLY A 47 7.96 3.45 6.48
CA GLY A 47 9.29 3.96 6.14
C GLY A 47 10.39 3.10 6.71
N PRO A 48 11.64 3.34 6.28
CA PRO A 48 12.74 2.47 6.72
C PRO A 48 13.03 2.43 8.19
N CYS A 49 12.57 3.46 8.93
CA CYS A 49 12.66 3.53 10.39
C CYS A 49 11.58 2.73 11.11
N GLY A 50 10.58 2.29 10.36
CA GLY A 50 9.47 1.52 10.87
C GLY A 50 8.18 2.30 11.04
N LYS A 51 8.18 3.61 10.71
CA LYS A 51 6.96 4.45 10.88
C LYS A 51 5.87 4.06 9.87
N ARG A 52 4.69 3.82 10.39
CA ARG A 52 3.54 3.52 9.58
C ARG A 52 2.84 4.80 9.06
N MET A 53 2.62 4.87 7.76
CA MET A 53 2.00 6.05 7.14
C MET A 53 0.78 5.59 6.32
N LYS A 54 -0.31 6.28 6.51
CA LYS A 54 -1.57 5.91 5.86
C LYS A 54 -2.08 6.91 4.80
N GLN A 55 -1.44 8.07 4.71
CA GLN A 55 -1.89 9.12 3.79
C GLN A 55 -0.71 9.71 3.07
N PHE A 56 -0.95 10.14 1.83
CA PHE A 56 0.12 10.68 1.01
C PHE A 56 0.81 11.89 1.64
N PRO A 57 0.06 12.82 2.26
CA PRO A 57 0.75 13.95 2.94
C PRO A 57 1.71 13.56 4.07
N GLU A 58 1.48 12.41 4.73
CA GLU A 58 2.42 11.87 5.73
C GLU A 58 3.73 11.46 5.09
N VAL A 59 3.66 10.87 3.90
CA VAL A 59 4.85 10.44 3.18
C VAL A 59 5.60 11.66 2.70
N ILE A 60 4.88 12.69 2.19
CA ILE A 60 5.56 13.92 1.79
C ILE A 60 6.33 14.54 2.96
N LYS A 61 5.71 14.59 4.12
CA LYS A 61 6.36 15.15 5.31
C LYS A 61 7.62 14.31 5.70
N TYR A 62 7.47 13.00 5.64
CA TYR A 62 8.56 12.07 5.94
C TYR A 62 9.73 12.29 5.03
N LEU A 63 9.47 12.43 3.74
CA LEU A 63 10.54 12.64 2.79
C LEU A 63 11.25 13.95 3.10
N SER A 64 10.53 14.95 3.58
CA SER A 64 11.20 16.19 3.92
CA SER A 64 11.17 16.20 3.95
C SER A 64 12.01 16.09 5.24
N ARG A 65 11.60 15.26 6.17
CA ARG A 65 12.22 15.23 7.47
C ARG A 65 13.38 14.21 7.54
N ASN A 66 13.50 13.40 6.48
CA ASN A 66 14.49 12.30 6.50
C ASN A 66 15.49 12.38 5.36
N VAL A 67 16.58 11.65 5.57
CA VAL A 67 17.60 11.50 4.60
C VAL A 67 17.16 10.36 3.65
N VAL A 68 16.82 10.74 2.44
CA VAL A 68 16.39 9.85 1.36
C VAL A 68 17.16 10.24 0.10
N HIS A 69 17.70 9.23 -0.56
CA HIS A 69 18.57 9.43 -1.70
C HIS A 69 17.90 9.02 -2.98
N SER A 70 17.35 7.84 -2.97
CA SER A 70 16.85 7.23 -4.20
C SER A 70 15.33 7.33 -4.36
N VAL A 71 14.65 7.53 -3.26
CA VAL A 71 13.18 7.48 -3.22
C VAL A 71 12.65 8.91 -3.25
N ARG A 72 11.67 9.20 -4.15
CA ARG A 72 11.07 10.53 -4.30
C ARG A 72 9.51 10.38 -4.29
N ARG A 73 8.77 11.50 -4.16
CA ARG A 73 7.29 11.39 -4.11
C ARG A 73 6.66 10.67 -5.33
N GLU A 74 7.32 10.74 -6.50
CA GLU A 74 6.87 10.04 -7.71
C GLU A 74 6.81 8.50 -7.55
N HIS A 75 7.44 7.95 -6.51
CA HIS A 75 7.51 6.53 -6.38
C HIS A 75 6.37 5.95 -5.51
N PHE A 76 5.52 6.81 -5.00
CA PHE A 76 4.47 6.38 -4.09
C PHE A 76 3.11 6.38 -4.71
N SER A 77 2.28 5.43 -4.28
CA SER A 77 0.88 5.45 -4.66
C SER A 77 0.10 4.86 -3.52
N PHE A 78 -0.99 5.53 -3.13
CA PHE A 78 -1.87 4.98 -2.10
C PHE A 78 -3.05 4.21 -2.70
N SER A 79 -3.00 3.94 -4.00
CA SER A 79 -4.10 3.20 -4.69
C SER A 79 -4.06 1.72 -4.22
N PRO A 80 -5.19 1.25 -3.64
CA PRO A 80 -5.28 -0.18 -3.28
C PRO A 80 -5.42 -1.07 -4.52
N ARG A 81 -5.54 -0.47 -5.69
CA ARG A 81 -5.61 -1.19 -6.95
C ARG A 81 -4.27 -1.40 -7.63
N MET A 82 -3.19 -0.87 -7.05
CA MET A 82 -1.87 -1.01 -7.62
C MET A 82 -1.25 -2.25 -6.98
N PRO A 83 -0.94 -3.28 -7.80
CA PRO A 83 -0.55 -4.62 -7.26
C PRO A 83 0.95 -4.69 -6.93
N VAL A 84 1.31 -3.86 -5.97
CA VAL A 84 2.68 -3.83 -5.45
C VAL A 84 2.61 -3.90 -3.94
N GLY A 85 3.44 -4.79 -3.39
CA GLY A 85 3.50 -4.98 -1.97
C GLY A 85 2.64 -6.19 -1.54
N ASP A 86 2.37 -6.25 -0.25
CA ASP A 86 1.71 -7.42 0.37
C ASP A 86 0.24 -7.03 0.62
N PHE A 87 -0.66 -7.93 0.22
CA PHE A 87 -2.07 -7.70 0.35
C PHE A 87 -2.61 -8.66 1.45
N PHE A 88 -3.48 -8.08 2.27
CA PHE A 88 -4.09 -8.78 3.40
C PHE A 88 -5.62 -8.56 3.38
N GLU A 89 -6.38 -9.53 3.89
CA GLU A 89 -7.78 -9.42 3.94
C GLU A 89 -8.34 -9.95 5.27
N GLU A 90 -9.32 -9.23 5.80
CA GLU A 90 -10.08 -9.63 6.98
C GLU A 90 -11.23 -10.50 6.62
N ARG A 91 -11.22 -11.74 7.15
CA ARG A 91 -12.24 -12.75 6.94
C ARG A 91 -13.00 -13.09 8.24
N ASP A 92 -14.30 -13.27 8.13
CA ASP A 92 -15.13 -13.69 9.27
C ASP A 92 -15.46 -15.15 9.14
N THR A 93 -15.29 -15.98 10.20
CA THR A 93 -15.80 -17.33 10.28
C THR A 93 -16.45 -17.46 11.64
N PRO A 94 -17.08 -18.58 11.94
CA PRO A 94 -17.66 -18.72 13.25
C PRO A 94 -16.66 -18.58 14.35
N GLU A 95 -15.36 -18.81 14.04
CA GLU A 95 -14.28 -18.66 15.06
C GLU A 95 -13.96 -17.23 15.41
N GLY A 96 -14.18 -16.29 14.49
CA GLY A 96 -13.95 -14.91 14.69
C GLY A 96 -13.38 -14.24 13.42
N LEU A 97 -13.04 -12.98 13.52
CA LEU A 97 -12.39 -12.27 12.46
C LEU A 97 -10.88 -12.68 12.42
N GLN A 98 -10.42 -13.02 11.22
CA GLN A 98 -9.03 -13.42 10.96
C GLN A 98 -8.43 -12.56 9.82
N TRP A 99 -7.19 -12.14 9.98
CA TRP A 99 -6.47 -11.45 8.86
C TRP A 99 -5.58 -12.47 8.17
N VAL A 100 -5.70 -12.55 6.85
CA VAL A 100 -4.83 -13.46 6.10
CA VAL A 100 -4.96 -13.50 6.00
C VAL A 100 -4.11 -12.70 5.01
N GLN A 101 -2.91 -13.15 4.68
CA GLN A 101 -2.23 -12.55 3.55
C GLN A 101 -2.68 -13.24 2.29
N LEU A 102 -2.99 -12.43 1.27
CA LEU A 102 -3.41 -13.00 0.02
C LEU A 102 -2.23 -13.50 -0.83
N SER A 103 -2.48 -14.54 -1.59
CA SER A 103 -1.56 -15.04 -2.62
C SER A 103 -1.62 -14.13 -3.85
N ALA A 104 -0.60 -14.25 -4.70
CA ALA A 104 -0.59 -13.57 -6.01
C ALA A 104 -1.85 -13.87 -6.83
N GLU A 105 -2.27 -15.12 -6.82
CA GLU A 105 -3.45 -15.59 -7.58
C GLU A 105 -4.72 -14.91 -7.10
N GLU A 106 -4.78 -14.61 -5.80
CA GLU A 106 -5.97 -13.98 -5.22
C GLU A 106 -6.06 -12.51 -5.44
N ILE A 107 -4.90 -11.87 -5.60
CA ILE A 107 -4.87 -10.41 -5.65
C ILE A 107 -5.75 -9.72 -6.78
N PRO A 108 -5.67 -10.18 -8.02
CA PRO A 108 -6.39 -9.50 -9.13
C PRO A 108 -7.90 -9.43 -8.87
N SER A 109 -8.50 -10.49 -8.32
CA SER A 109 -9.96 -10.49 -8.04
C SER A 109 -10.31 -9.50 -6.95
N ARG A 110 -9.41 -9.34 -6.00
CA ARG A 110 -9.66 -8.34 -4.99
C ARG A 110 -9.59 -6.93 -5.49
N ILE A 111 -8.60 -6.68 -6.35
CA ILE A 111 -8.41 -5.37 -6.95
C ILE A 111 -9.69 -4.98 -7.71
N GLN A 112 -10.24 -5.91 -8.45
CA GLN A 112 -11.50 -5.67 -9.13
C GLN A 112 -12.67 -5.40 -8.18
N ALA A 113 -12.65 -6.03 -7.01
CA ALA A 113 -13.80 -6.04 -6.14
C ALA A 113 -13.93 -4.81 -5.26
N ILE A 114 -12.81 -4.14 -4.94
CA ILE A 114 -12.88 -3.02 -3.99
C ILE A 114 -13.29 -1.67 -4.59
N THR A 115 -13.86 -0.82 -3.72
CA THR A 115 -14.70 0.31 -4.13
C THR A 115 -14.31 1.52 -3.31
UNK UNX B . -1.58 8.02 -4.24
UNK UNX C . 4.16 3.87 13.31
UNK UNX D . -2.65 0.71 12.73
UNK UNX E . -0.31 4.00 12.66
UNK UNX F . 5.37 -6.24 -5.15
UNK UNX G . -5.62 -13.32 12.33
UNK UNX H . -8.05 -13.23 -8.11
UNK UNX I . 9.24 12.72 -7.61
UNK UNX J . 6.72 17.32 -2.40
UNK UNX K . 10.87 -3.65 -10.05
UNK UNX L . 14.04 1.61 16.75
#